data_6TFG
#
_entry.id   6TFG
#
_cell.length_a   57.530
_cell.length_b   59.030
_cell.length_c   191.030
_cell.angle_alpha   90.000
_cell.angle_beta   90.000
_cell.angle_gamma   90.000
#
_symmetry.space_group_name_H-M   'I 2 2 2'
#
loop_
_entity.id
_entity.type
_entity.pdbx_description
1 polymer 'Chains: A'
2 non-polymer 'MAGNESIUM ION'
3 non-polymer 'SODIUM ION'
4 non-polymer "3'-PHOSPHATE-ADENOSINE-5'-PHOSPHATE SULFATE"
5 water water
#
_entity_poly.entity_id   1
_entity_poly.type   'polyribonucleotide'
_entity_poly.pdbx_seq_one_letter_code
;GGCUUCAACAACCCCGUAGGUUGGGCCGAAAGGCAGCGAAUCUACUGGAGCC
;
_entity_poly.pdbx_strand_id   A
#